data_2RL5
#
_entry.id   2RL5
#
_cell.length_a   66.760
_cell.length_b   139.774
_cell.length_c   57.550
_cell.angle_alpha   90.00
_cell.angle_beta   90.00
_cell.angle_gamma   90.00
#
_symmetry.space_group_name_H-M   'P 21 21 2'
#
loop_
_entity.id
_entity.type
_entity.pdbx_description
1 polymer 'Vascular endothelial growth factor receptor 2'
2 non-polymer N-(4-CHLOROPHENYL)-7-[(6,7-DIMETHOXYQUINOLIN-4-YL)OXY]-2,3-DIHYDRO-1,4-BENZOXAZINE-4-CARBOXAMIDE
3 water water
#
_entity_poly.entity_id   1
_entity_poly.type   'polypeptide(L)'
_entity_poly.pdbx_seq_one_letter_code
;EHAERLPYDASKWEFPRDRLKLGKPLGRGAFGQVIEADAFGIDKTATCRTVAVKMLKEGATHSEHRALMSELKILIHIGH
HLNVVNLLGACTKPGGPLMVITEFCKFGNLSTYLRSKRNEFVPYKVAPEDLYKDFLTLEHLICYSFQVAKGMEFLASRKC
IHRDLAARNILLSEKNVVKICDFGLARDI(PTR)KDPD(PTR)VRKGDARLPLKWMAPETIFDRVYTIQSDVWSFGVLLW
EIFSLGASPYPGVKIDEEFCRRLKEGTRMRAPDYTTPEMYQTMLDCWHGEPSQRPTFSELVEHLGNLLQANAQQDRHHHH
HH
;
_entity_poly.pdbx_strand_id   A
#
loop_
_chem_comp.id
_chem_comp.type
_chem_comp.name
_chem_comp.formula
2RL non-polymer N-(4-CHLOROPHENYL)-7-[(6,7-DIMETHOXYQUINOLIN-4-YL)OXY]-2,3-DIHYDRO-1,4-BENZOXAZINE-4-CARBOXAMIDE 'C26 H22 Cl N3 O5'
#
# COMPACT_ATOMS: atom_id res chain seq x y z
N GLU A 1 6.23 7.09 19.09
CA GLU A 1 6.62 6.59 20.46
C GLU A 1 5.58 7.00 21.49
N HIS A 2 4.83 6.02 21.97
CA HIS A 2 3.78 6.27 22.96
C HIS A 2 2.69 7.15 22.37
N ALA A 3 2.43 6.97 21.08
CA ALA A 3 1.42 7.76 20.37
C ALA A 3 0.03 7.58 20.97
N GLU A 4 -0.21 6.45 21.63
CA GLU A 4 -1.51 6.18 22.23
C GLU A 4 -1.88 7.24 23.26
N ARG A 5 -0.93 8.07 23.66
CA ARG A 5 -1.20 9.09 24.66
C ARG A 5 -1.32 10.52 24.11
N LEU A 6 -1.40 10.65 22.79
CA LEU A 6 -1.54 11.95 22.14
C LEU A 6 -2.97 12.44 22.32
N PRO A 7 -3.19 13.76 22.24
CA PRO A 7 -4.54 14.31 22.39
C PRO A 7 -5.50 13.76 21.33
N TYR A 8 -6.76 13.60 21.69
CA TYR A 8 -7.78 13.06 20.81
C TYR A 8 -8.99 13.99 20.64
N ASP A 9 -9.22 14.46 19.42
CA ASP A 9 -10.35 15.34 19.14
C ASP A 9 -11.59 14.48 18.95
N ALA A 10 -12.27 14.17 20.05
CA ALA A 10 -13.45 13.34 19.97
C ALA A 10 -14.52 13.92 19.06
N SER A 11 -14.71 15.24 19.14
CA SER A 11 -15.71 15.91 18.33
C SER A 11 -15.48 15.71 16.84
N LYS A 12 -14.26 15.38 16.46
CA LYS A 12 -13.95 15.16 15.06
C LYS A 12 -13.95 13.71 14.61
N TRP A 13 -13.55 12.78 15.48
CA TRP A 13 -13.48 11.38 15.08
C TRP A 13 -14.45 10.38 15.72
N GLU A 14 -14.92 10.68 16.92
CA GLU A 14 -15.84 9.76 17.60
C GLU A 14 -17.10 9.47 16.78
N PHE A 15 -17.44 8.18 16.69
CA PHE A 15 -18.61 7.74 15.94
C PHE A 15 -19.45 6.82 16.83
N PRO A 16 -20.78 7.01 16.87
CA PRO A 16 -21.69 6.19 17.69
C PRO A 16 -21.65 4.72 17.31
N ARG A 17 -21.40 3.83 18.27
CA ARG A 17 -21.34 2.40 17.97
C ARG A 17 -22.62 1.89 17.33
N ASP A 18 -23.75 2.43 17.75
CA ASP A 18 -25.05 2.01 17.24
C ASP A 18 -25.29 2.33 15.76
N ARG A 19 -24.50 3.26 15.22
CA ARG A 19 -24.62 3.61 13.81
C ARG A 19 -23.68 2.76 12.98
N LEU A 20 -23.35 1.60 13.52
CA LEU A 20 -22.46 0.66 12.87
C LEU A 20 -23.14 -0.71 12.84
N LYS A 21 -23.02 -1.41 11.71
CA LYS A 21 -23.62 -2.73 11.57
C LYS A 21 -22.53 -3.71 11.12
N LEU A 22 -21.78 -4.24 12.08
CA LEU A 22 -20.68 -5.16 11.82
C LEU A 22 -21.09 -6.40 11.02
N GLY A 23 -20.30 -6.72 9.98
CA GLY A 23 -20.58 -7.87 9.15
C GLY A 23 -19.55 -8.99 9.26
N LYS A 24 -19.23 -9.61 8.13
CA LYS A 24 -18.27 -10.70 8.08
C LYS A 24 -16.84 -10.21 8.22
N PRO A 25 -15.96 -11.05 8.78
CA PRO A 25 -14.55 -10.75 8.97
C PRO A 25 -13.82 -10.72 7.64
N LEU A 26 -12.80 -9.87 7.53
CA LEU A 26 -12.02 -9.77 6.32
C LEU A 26 -10.64 -10.34 6.58
N GLY A 27 -10.27 -10.39 7.87
CA GLY A 27 -8.98 -10.93 8.27
C GLY A 27 -8.65 -10.64 9.73
N ARG A 28 -7.77 -11.45 10.32
CA ARG A 28 -7.38 -11.26 11.71
C ARG A 28 -5.95 -11.76 11.98
N GLY A 32 -5.05 -7.51 16.09
CA GLY A 32 -6.48 -7.26 16.14
C GLY A 32 -7.23 -8.05 15.08
N GLN A 33 -8.21 -7.42 14.44
CA GLN A 33 -9.00 -8.08 13.41
C GLN A 33 -9.85 -7.07 12.64
N VAL A 34 -9.83 -7.17 11.31
CA VAL A 34 -10.60 -6.26 10.47
C VAL A 34 -11.92 -6.91 10.07
N ILE A 35 -13.00 -6.15 10.23
CA ILE A 35 -14.33 -6.64 9.92
C ILE A 35 -15.03 -5.71 8.93
N GLU A 36 -15.83 -6.28 8.04
CA GLU A 36 -16.57 -5.45 7.09
C GLU A 36 -17.79 -4.91 7.85
N ALA A 37 -18.23 -3.71 7.52
CA ALA A 37 -19.38 -3.15 8.22
C ALA A 37 -20.09 -2.06 7.45
N ASP A 38 -21.26 -1.67 7.95
CA ASP A 38 -22.02 -0.60 7.33
C ASP A 38 -22.05 0.56 8.33
N ALA A 39 -21.86 1.77 7.84
CA ALA A 39 -21.87 2.93 8.72
C ALA A 39 -22.97 3.87 8.28
N PHE A 40 -23.71 4.39 9.26
CA PHE A 40 -24.81 5.29 8.99
C PHE A 40 -24.38 6.75 9.11
N GLY A 41 -24.30 7.42 7.97
CA GLY A 41 -23.93 8.82 7.93
C GLY A 41 -22.61 9.13 8.59
N ILE A 42 -21.55 8.46 8.15
CA ILE A 42 -20.23 8.70 8.74
C ILE A 42 -19.51 9.84 8.02
N ASP A 43 -19.97 10.13 6.81
CA ASP A 43 -19.41 11.21 6.00
C ASP A 43 -20.56 11.93 5.29
N LYS A 44 -20.28 13.11 4.74
CA LYS A 44 -21.32 13.85 4.04
C LYS A 44 -21.30 13.52 2.55
N THR A 45 -21.16 12.24 2.22
CA THR A 45 -21.12 11.80 0.83
C THR A 45 -22.11 10.68 0.56
N ALA A 46 -22.77 10.22 1.61
CA ALA A 46 -23.76 9.14 1.50
C ALA A 46 -24.26 8.80 2.90
N THR A 47 -25.57 8.61 3.03
CA THR A 47 -26.16 8.29 4.34
C THR A 47 -25.74 6.91 4.83
N CYS A 48 -25.45 6.01 3.90
CA CYS A 48 -25.02 4.66 4.27
C CYS A 48 -23.76 4.36 3.46
N ARG A 49 -22.84 3.62 4.05
CA ARG A 49 -21.57 3.33 3.39
C ARG A 49 -20.86 2.10 3.94
N THR A 50 -20.18 1.36 3.08
CA THR A 50 -19.45 0.19 3.56
C THR A 50 -18.13 0.70 4.12
N VAL A 51 -17.66 0.06 5.18
CA VAL A 51 -16.41 0.47 5.81
C VAL A 51 -15.68 -0.75 6.34
N ALA A 52 -14.44 -0.56 6.75
CA ALA A 52 -13.66 -1.64 7.32
C ALA A 52 -13.43 -1.22 8.77
N VAL A 53 -13.62 -2.15 9.70
CA VAL A 53 -13.43 -1.83 11.10
C VAL A 53 -12.41 -2.73 11.75
N LYS A 54 -11.43 -2.12 12.40
CA LYS A 54 -10.42 -2.88 13.09
C LYS A 54 -10.69 -2.74 14.59
N MET A 55 -10.82 -3.87 15.27
CA MET A 55 -11.10 -3.84 16.70
C MET A 55 -10.30 -4.89 17.48
N LEU A 56 -10.12 -4.63 18.77
CA LEU A 56 -9.39 -5.54 19.63
C LEU A 56 -10.14 -6.84 19.79
N LYS A 57 -9.40 -7.94 19.88
CA LYS A 57 -10.02 -9.24 20.07
C LYS A 57 -10.67 -9.27 21.46
N GLU A 58 -11.25 -10.41 21.81
CA GLU A 58 -11.89 -10.56 23.11
C GLU A 58 -10.83 -10.68 24.21
N GLY A 59 -10.96 -9.86 25.25
CA GLY A 59 -9.99 -9.90 26.33
C GLY A 59 -8.54 -9.84 25.84
N ALA A 60 -8.17 -8.70 25.29
CA ALA A 60 -6.82 -8.52 24.79
C ALA A 60 -6.01 -7.82 25.86
N THR A 61 -4.71 -8.06 25.87
CA THR A 61 -3.83 -7.45 26.85
C THR A 61 -3.88 -5.93 26.77
N HIS A 62 -3.40 -5.28 27.83
CA HIS A 62 -3.36 -3.83 27.89
C HIS A 62 -2.35 -3.36 26.85
N SER A 63 -1.36 -4.20 26.58
CA SER A 63 -0.33 -3.88 25.62
C SER A 63 -0.92 -3.85 24.21
N GLU A 64 -1.84 -4.76 23.93
CA GLU A 64 -2.49 -4.81 22.64
C GLU A 64 -3.44 -3.63 22.48
N HIS A 65 -4.02 -3.21 23.60
CA HIS A 65 -4.93 -2.09 23.62
C HIS A 65 -4.16 -0.82 23.26
N ARG A 66 -2.99 -0.65 23.86
CA ARG A 66 -2.15 0.51 23.57
C ARG A 66 -1.74 0.51 22.10
N ALA A 67 -1.41 -0.67 21.59
CA ALA A 67 -0.98 -0.81 20.20
C ALA A 67 -2.02 -0.32 19.19
N LEU A 68 -3.29 -0.71 19.37
CA LEU A 68 -4.33 -0.29 18.45
C LEU A 68 -4.62 1.20 18.59
N MET A 69 -4.60 1.70 19.83
CA MET A 69 -4.85 3.13 20.07
C MET A 69 -3.71 3.96 19.49
N SER A 70 -2.51 3.38 19.49
CA SER A 70 -1.35 4.07 18.94
C SER A 70 -1.52 4.17 17.43
N GLU A 71 -2.05 3.12 16.81
CA GLU A 71 -2.25 3.12 15.37
C GLU A 71 -3.27 4.19 14.97
N LEU A 72 -4.34 4.32 15.76
CA LEU A 72 -5.35 5.33 15.47
C LEU A 72 -4.72 6.72 15.55
N LYS A 73 -3.95 6.97 16.59
CA LYS A 73 -3.30 8.27 16.76
C LYS A 73 -2.34 8.55 15.61
N ILE A 74 -1.63 7.53 15.15
CA ILE A 74 -0.72 7.71 14.05
C ILE A 74 -1.48 8.06 12.78
N LEU A 75 -2.60 7.39 12.53
CA LEU A 75 -3.40 7.69 11.35
C LEU A 75 -3.92 9.11 11.43
N ILE A 76 -4.38 9.53 12.61
CA ILE A 76 -4.89 10.88 12.78
C ILE A 76 -3.77 11.88 12.53
N HIS A 77 -2.59 11.60 13.07
CA HIS A 77 -1.44 12.46 12.91
C HIS A 77 -1.00 12.60 11.46
N ILE A 78 -0.97 11.49 10.73
CA ILE A 78 -0.56 11.49 9.33
C ILE A 78 -1.48 12.39 8.50
N GLY A 79 -2.79 12.28 8.74
CA GLY A 79 -3.71 13.11 7.99
C GLY A 79 -4.30 12.43 6.77
N HIS A 80 -5.09 13.18 6.02
CA HIS A 80 -5.73 12.67 4.82
C HIS A 80 -4.98 12.77 3.52
N HIS A 81 -5.02 11.68 2.75
CA HIS A 81 -4.44 11.62 1.42
C HIS A 81 -5.19 10.56 0.63
N LEU A 82 -5.45 10.85 -0.63
CA LEU A 82 -6.18 9.94 -1.50
C LEU A 82 -5.55 8.56 -1.61
N ASN A 83 -4.23 8.50 -1.52
CA ASN A 83 -3.54 7.23 -1.66
C ASN A 83 -3.06 6.57 -0.37
N VAL A 84 -3.72 6.92 0.72
CA VAL A 84 -3.43 6.33 2.02
C VAL A 84 -4.81 5.98 2.57
N VAL A 85 -5.03 4.70 2.87
CA VAL A 85 -6.32 4.25 3.39
C VAL A 85 -6.91 5.33 4.33
N ASN A 86 -8.08 5.83 3.98
CA ASN A 86 -8.71 6.91 4.75
C ASN A 86 -9.35 6.52 6.07
N LEU A 87 -8.98 7.25 7.12
CA LEU A 87 -9.56 7.01 8.43
C LEU A 87 -10.88 7.80 8.43
N LEU A 88 -11.97 7.15 8.82
CA LEU A 88 -13.27 7.81 8.83
C LEU A 88 -13.72 8.20 10.22
N GLY A 89 -13.34 7.39 11.21
CA GLY A 89 -13.72 7.68 12.58
C GLY A 89 -13.27 6.58 13.52
N ALA A 90 -13.69 6.68 14.77
CA ALA A 90 -13.32 5.70 15.79
C ALA A 90 -14.34 5.67 16.91
N CYS A 91 -14.42 4.54 17.59
CA CYS A 91 -15.32 4.37 18.72
C CYS A 91 -14.38 4.11 19.89
N THR A 92 -14.14 5.13 20.70
CA THR A 92 -13.22 5.03 21.81
C THR A 92 -13.84 5.15 23.20
N LYS A 93 -14.98 5.83 23.31
CA LYS A 93 -15.63 6.01 24.58
C LYS A 93 -16.22 4.74 25.19
N PRO A 94 -16.40 4.73 26.52
CA PRO A 94 -16.95 3.58 27.25
C PRO A 94 -18.26 3.08 26.64
N GLY A 95 -18.54 1.80 26.79
CA GLY A 95 -19.77 1.26 26.24
C GLY A 95 -19.52 0.10 25.31
N GLY A 96 -18.36 0.10 24.67
CA GLY A 96 -18.04 -0.98 23.75
C GLY A 96 -16.55 -1.06 23.53
N PRO A 97 -16.13 -1.90 22.59
CA PRO A 97 -14.71 -2.08 22.27
C PRO A 97 -14.12 -0.92 21.47
N LEU A 98 -12.80 -0.82 21.50
CA LEU A 98 -12.09 0.22 20.76
C LEU A 98 -12.20 -0.19 19.29
N MET A 99 -12.64 0.74 18.44
CA MET A 99 -12.80 0.43 17.03
C MET A 99 -12.26 1.51 16.10
N VAL A 100 -11.45 1.08 15.13
CA VAL A 100 -10.89 2.02 14.15
C VAL A 100 -11.61 1.78 12.84
N ILE A 101 -12.20 2.84 12.29
CA ILE A 101 -12.97 2.75 11.07
C ILE A 101 -12.31 3.43 9.88
N THR A 102 -12.15 2.69 8.80
CA THR A 102 -11.53 3.24 7.60
C THR A 102 -12.47 3.01 6.43
N GLU A 103 -12.12 3.60 5.29
CA GLU A 103 -12.93 3.42 4.11
C GLU A 103 -12.74 1.95 3.74
N PHE A 104 -13.63 1.42 2.92
CA PHE A 104 -13.54 0.04 2.50
C PHE A 104 -12.98 0.00 1.08
N CYS A 105 -12.04 -0.91 0.84
CA CYS A 105 -11.44 -1.05 -0.48
C CYS A 105 -11.87 -2.36 -1.11
N LYS A 106 -12.92 -2.26 -1.91
CA LYS A 106 -13.54 -3.39 -2.59
C LYS A 106 -12.67 -4.55 -3.08
N PHE A 107 -11.56 -4.26 -3.76
CA PHE A 107 -10.75 -5.35 -4.32
C PHE A 107 -9.64 -5.95 -3.49
N GLY A 108 -9.42 -5.44 -2.29
CA GLY A 108 -8.39 -6.00 -1.44
C GLY A 108 -6.95 -5.66 -1.80
N ASN A 109 -6.01 -6.48 -1.33
CA ASN A 109 -4.60 -6.23 -1.58
C ASN A 109 -4.25 -6.36 -3.06
N LEU A 110 -3.38 -5.47 -3.51
CA LEU A 110 -2.95 -5.40 -4.90
C LEU A 110 -2.26 -6.67 -5.41
N SER A 111 -1.46 -7.30 -4.56
CA SER A 111 -0.75 -8.50 -4.96
C SER A 111 -1.71 -9.60 -5.43
N THR A 112 -2.65 -9.97 -4.57
CA THR A 112 -3.62 -11.00 -4.94
C THR A 112 -4.43 -10.59 -6.16
N TYR A 113 -4.84 -9.33 -6.22
CA TYR A 113 -5.62 -8.85 -7.35
C TYR A 113 -4.88 -9.01 -8.66
N LEU A 114 -3.66 -8.49 -8.71
CA LEU A 114 -2.89 -8.58 -9.95
C LEU A 114 -2.76 -10.02 -10.43
N ARG A 115 -2.43 -10.95 -9.54
CA ARG A 115 -2.30 -12.34 -9.97
C ARG A 115 -3.59 -12.87 -10.60
N SER A 116 -4.72 -12.28 -10.25
CA SER A 116 -5.98 -12.73 -10.81
C SER A 116 -6.22 -12.15 -12.20
N LYS A 117 -5.30 -11.30 -12.68
CA LYS A 117 -5.44 -10.69 -13.99
C LYS A 117 -4.40 -11.15 -14.99
N ARG A 118 -3.68 -12.21 -14.66
CA ARG A 118 -2.63 -12.70 -15.54
C ARG A 118 -3.09 -12.93 -16.98
N ASN A 119 -4.32 -13.40 -17.14
CA ASN A 119 -4.83 -13.66 -18.49
C ASN A 119 -5.72 -12.54 -19.00
N GLU A 120 -5.72 -11.43 -18.27
CA GLU A 120 -6.52 -10.28 -18.61
C GLU A 120 -5.66 -9.02 -18.62
N PHE A 121 -4.59 -9.07 -19.42
CA PHE A 121 -3.68 -7.95 -19.53
C PHE A 121 -3.15 -7.81 -20.96
N VAL A 122 -3.05 -6.57 -21.44
CA VAL A 122 -2.51 -6.25 -22.76
C VAL A 122 -1.93 -4.85 -22.61
N PRO A 123 -0.76 -4.59 -23.22
CA PRO A 123 -0.16 -3.26 -23.11
C PRO A 123 -1.15 -2.17 -23.47
N TYR A 124 -1.83 -2.35 -24.60
CA TYR A 124 -2.82 -1.36 -25.05
C TYR A 124 -4.02 -2.08 -25.65
N LYS A 125 -5.20 -1.54 -25.44
CA LYS A 125 -6.37 -2.18 -26.02
C LYS A 125 -6.43 -1.77 -27.49
N VAL A 126 -7.04 -2.61 -28.31
CA VAL A 126 -7.19 -2.33 -29.73
C VAL A 126 -8.68 -2.42 -30.03
N ALA A 127 -9.22 -1.45 -30.78
CA ALA A 127 -10.64 -1.44 -31.11
C ALA A 127 -10.99 -2.68 -31.96
N PRO A 128 -12.15 -3.31 -31.70
CA PRO A 128 -13.14 -2.97 -30.68
C PRO A 128 -12.66 -3.35 -29.28
N GLU A 129 -12.59 -2.36 -28.40
CA GLU A 129 -12.10 -2.57 -27.05
C GLU A 129 -12.93 -3.47 -26.15
N ASP A 130 -14.14 -3.81 -26.56
CA ASP A 130 -14.97 -4.68 -25.72
C ASP A 130 -14.34 -6.07 -25.57
N LEU A 131 -13.37 -6.38 -26.42
CA LEU A 131 -12.67 -7.65 -26.39
C LEU A 131 -11.70 -7.69 -25.20
N TYR A 132 -11.44 -6.53 -24.62
CA TYR A 132 -10.53 -6.42 -23.49
C TYR A 132 -11.22 -5.74 -22.31
N LYS A 133 -12.51 -6.03 -22.16
CA LYS A 133 -13.30 -5.46 -21.07
C LYS A 133 -12.68 -5.78 -19.72
N ASP A 134 -12.44 -4.73 -18.94
CA ASP A 134 -11.86 -4.83 -17.61
C ASP A 134 -10.42 -5.35 -17.54
N PHE A 135 -9.78 -5.46 -18.70
CA PHE A 135 -8.39 -5.90 -18.77
C PHE A 135 -7.50 -4.82 -18.18
N LEU A 136 -6.34 -5.22 -17.68
CA LEU A 136 -5.39 -4.25 -17.16
C LEU A 136 -4.51 -3.93 -18.37
N THR A 137 -3.91 -2.74 -18.35
CA THR A 137 -3.04 -2.27 -19.44
C THR A 137 -1.82 -1.57 -18.82
N LEU A 138 -0.82 -1.26 -19.64
CA LEU A 138 0.36 -0.57 -19.11
C LEU A 138 -0.05 0.69 -18.38
N GLU A 139 -1.09 1.37 -18.88
CA GLU A 139 -1.56 2.58 -18.24
C GLU A 139 -2.02 2.30 -16.81
N HIS A 140 -2.67 1.16 -16.60
CA HIS A 140 -3.15 0.81 -15.27
C HIS A 140 -1.95 0.63 -14.33
N LEU A 141 -1.03 -0.25 -14.74
CA LEU A 141 0.15 -0.52 -13.94
C LEU A 141 0.97 0.73 -13.61
N ILE A 142 1.18 1.61 -14.59
CA ILE A 142 1.92 2.84 -14.34
C ILE A 142 1.13 3.76 -13.41
N CYS A 143 -0.19 3.77 -13.59
CA CYS A 143 -1.05 4.59 -12.76
C CYS A 143 -0.95 4.17 -11.29
N TYR A 144 -0.98 2.85 -11.04
CA TYR A 144 -0.85 2.32 -9.68
C TYR A 144 0.50 2.72 -9.06
N SER A 145 1.57 2.56 -9.85
CA SER A 145 2.92 2.90 -9.41
C SER A 145 2.97 4.37 -9.05
N PHE A 146 2.36 5.19 -9.89
CA PHE A 146 2.31 6.64 -9.71
C PHE A 146 1.53 7.01 -8.44
N GLN A 147 0.43 6.31 -8.17
CA GLN A 147 -0.36 6.62 -6.98
C GLN A 147 0.34 6.25 -5.68
N VAL A 148 1.06 5.13 -5.68
CA VAL A 148 1.74 4.72 -4.47
C VAL A 148 2.88 5.70 -4.20
N ALA A 149 3.56 6.14 -5.25
CA ALA A 149 4.65 7.08 -5.11
C ALA A 149 4.13 8.36 -4.45
N LYS A 150 2.96 8.82 -4.89
CA LYS A 150 2.37 10.03 -4.33
C LYS A 150 1.94 9.83 -2.87
N GLY A 151 1.53 8.61 -2.54
CA GLY A 151 1.13 8.32 -1.17
C GLY A 151 2.37 8.32 -0.29
N MET A 152 3.44 7.69 -0.78
CA MET A 152 4.68 7.64 -0.03
C MET A 152 5.30 9.04 0.09
N GLU A 153 5.19 9.84 -0.97
CA GLU A 153 5.73 11.18 -0.91
C GLU A 153 5.01 11.91 0.23
N PHE A 154 3.72 11.62 0.38
CA PHE A 154 2.93 12.26 1.43
C PHE A 154 3.37 11.80 2.81
N LEU A 155 3.52 10.49 2.99
CA LEU A 155 3.94 9.96 4.28
C LEU A 155 5.29 10.57 4.65
N ALA A 156 6.21 10.62 3.71
CA ALA A 156 7.52 11.20 3.97
C ALA A 156 7.37 12.62 4.50
N SER A 157 6.50 13.41 3.88
CA SER A 157 6.30 14.80 4.31
C SER A 157 5.67 14.89 5.71
N ARG A 158 5.23 13.75 6.25
CA ARG A 158 4.64 13.72 7.58
C ARG A 158 5.69 13.12 8.52
N LYS A 159 6.89 12.92 7.98
CA LYS A 159 8.01 12.34 8.72
C LYS A 159 7.71 10.92 9.22
N CYS A 160 6.93 10.17 8.44
CA CYS A 160 6.60 8.81 8.81
C CYS A 160 7.25 7.83 7.85
N ILE A 161 7.74 6.72 8.40
CA ILE A 161 8.39 5.68 7.62
C ILE A 161 7.46 4.47 7.64
N HIS A 162 7.11 3.96 6.46
CA HIS A 162 6.21 2.81 6.41
C HIS A 162 6.85 1.57 7.01
N ARG A 163 8.08 1.27 6.58
CA ARG A 163 8.85 0.12 7.06
C ARG A 163 8.51 -1.22 6.43
N ASP A 164 7.36 -1.33 5.78
CA ASP A 164 6.99 -2.60 5.17
C ASP A 164 6.17 -2.40 3.90
N LEU A 165 6.72 -1.60 3.00
CA LEU A 165 6.09 -1.30 1.72
C LEU A 165 6.17 -2.52 0.82
N ALA A 166 5.02 -3.12 0.51
CA ALA A 166 4.94 -4.29 -0.34
C ALA A 166 3.57 -4.27 -1.02
N ALA A 167 3.39 -5.05 -2.08
CA ALA A 167 2.11 -5.08 -2.78
C ALA A 167 0.98 -5.61 -1.91
N ARG A 168 1.32 -6.46 -0.94
CA ARG A 168 0.33 -7.03 -0.03
C ARG A 168 -0.22 -5.96 0.90
N ASN A 169 0.47 -4.82 0.97
CA ASN A 169 0.03 -3.70 1.81
C ASN A 169 -0.55 -2.56 0.99
N ILE A 170 -0.95 -2.87 -0.23
CA ILE A 170 -1.56 -1.88 -1.12
C ILE A 170 -2.96 -2.38 -1.36
N LEU A 171 -3.95 -1.53 -1.13
CA LEU A 171 -5.34 -1.90 -1.34
C LEU A 171 -5.91 -1.22 -2.59
N LEU A 172 -6.74 -1.95 -3.32
CA LEU A 172 -7.34 -1.41 -4.53
C LEU A 172 -8.83 -1.12 -4.30
N SER A 173 -9.21 0.14 -4.45
CA SER A 173 -10.61 0.55 -4.31
C SER A 173 -11.22 0.58 -5.70
N GLU A 174 -12.34 1.28 -5.83
CA GLU A 174 -12.99 1.38 -7.12
C GLU A 174 -12.36 2.45 -8.00
N LYS A 175 -12.68 2.41 -9.28
CA LYS A 175 -12.14 3.37 -10.23
C LYS A 175 -10.62 3.40 -10.23
N ASN A 176 -10.02 2.24 -10.04
CA ASN A 176 -8.57 2.09 -10.04
C ASN A 176 -7.79 3.01 -9.12
N VAL A 177 -8.32 3.26 -7.93
CA VAL A 177 -7.60 4.10 -6.98
C VAL A 177 -6.99 3.17 -5.95
N VAL A 178 -5.69 3.28 -5.73
CA VAL A 178 -5.01 2.44 -4.74
C VAL A 178 -4.70 3.18 -3.44
N LYS A 179 -4.73 2.45 -2.33
CA LYS A 179 -4.45 3.03 -1.02
C LYS A 179 -3.35 2.27 -0.29
N ILE A 180 -2.41 3.01 0.29
CA ILE A 180 -1.33 2.41 1.06
C ILE A 180 -1.86 2.06 2.44
N CYS A 181 -1.55 0.87 2.93
CA CYS A 181 -2.01 0.47 4.26
C CYS A 181 -0.97 -0.38 4.93
N ASP A 182 -1.31 -0.90 6.10
CA ASP A 182 -0.39 -1.76 6.84
C ASP A 182 -1.19 -2.76 7.64
N PHE A 183 -1.09 -4.04 7.28
CA PHE A 183 -1.81 -5.06 8.02
C PHE A 183 -1.03 -5.40 9.30
N GLY A 184 0.19 -4.91 9.38
CA GLY A 184 1.01 -5.12 10.56
C GLY A 184 1.53 -6.52 10.82
N LEU A 185 2.25 -7.09 9.85
CA LEU A 185 2.78 -8.44 10.01
C LEU A 185 4.31 -8.43 10.16
N ASP A 200 9.52 -15.31 8.67
CA ASP A 200 8.19 -15.91 8.60
C ASP A 200 7.75 -16.13 7.14
N ALA A 201 6.67 -16.89 6.97
CA ALA A 201 6.13 -17.22 5.64
C ALA A 201 5.93 -16.03 4.68
N ARG A 202 6.01 -14.81 5.21
CA ARG A 202 5.86 -13.62 4.38
C ARG A 202 7.18 -13.21 3.74
N LEU A 203 8.28 -13.78 4.23
CA LEU A 203 9.62 -13.47 3.71
C LEU A 203 9.84 -11.97 3.53
N PRO A 204 9.59 -11.17 4.59
CA PRO A 204 9.74 -9.71 4.61
C PRO A 204 11.13 -9.23 4.19
N LEU A 205 12.11 -10.11 4.31
CA LEU A 205 13.49 -9.80 3.96
C LEU A 205 13.65 -9.46 2.48
N LYS A 206 12.73 -9.92 1.64
CA LYS A 206 12.81 -9.67 0.21
C LYS A 206 12.48 -8.22 -0.16
N TRP A 207 11.91 -7.49 0.78
CA TRP A 207 11.57 -6.08 0.56
C TRP A 207 12.52 -5.16 1.31
N MET A 208 13.38 -5.74 2.15
CA MET A 208 14.31 -4.97 2.95
C MET A 208 15.58 -4.55 2.24
N ALA A 209 15.96 -3.29 2.43
CA ALA A 209 17.18 -2.74 1.83
C ALA A 209 18.37 -3.37 2.55
N PRO A 210 19.53 -3.44 1.89
CA PRO A 210 20.74 -4.02 2.49
C PRO A 210 21.09 -3.44 3.85
N GLU A 211 21.13 -2.11 3.96
CA GLU A 211 21.46 -1.46 5.23
C GLU A 211 20.47 -1.85 6.31
N THR A 212 19.25 -2.18 5.92
CA THR A 212 18.23 -2.56 6.90
C THR A 212 18.48 -3.99 7.36
N ILE A 213 18.86 -4.84 6.43
CA ILE A 213 19.14 -6.22 6.74
C ILE A 213 20.33 -6.33 7.69
N PHE A 214 21.45 -5.75 7.27
CA PHE A 214 22.69 -5.78 8.04
C PHE A 214 22.83 -4.82 9.23
N ASP A 215 22.17 -3.66 9.17
CA ASP A 215 22.30 -2.70 10.26
C ASP A 215 20.99 -2.40 10.99
N ARG A 216 19.90 -2.98 10.51
CA ARG A 216 18.59 -2.80 11.11
C ARG A 216 18.12 -1.34 11.12
N VAL A 217 18.57 -0.56 10.14
CA VAL A 217 18.17 0.84 10.05
C VAL A 217 17.03 1.05 9.05
N TYR A 218 15.98 1.72 9.50
CA TYR A 218 14.85 2.02 8.63
C TYR A 218 14.80 3.51 8.35
N THR A 219 14.73 3.87 7.07
CA THR A 219 14.66 5.27 6.70
C THR A 219 13.80 5.43 5.46
N ILE A 220 13.40 6.66 5.17
CA ILE A 220 12.58 6.90 4.01
C ILE A 220 13.29 6.36 2.77
N GLN A 221 14.62 6.29 2.82
CA GLN A 221 15.40 5.80 1.68
C GLN A 221 15.40 4.29 1.61
N SER A 222 15.13 3.62 2.73
CA SER A 222 15.06 2.17 2.69
C SER A 222 13.67 1.85 2.16
N ASP A 223 12.72 2.75 2.43
CA ASP A 223 11.35 2.62 1.94
C ASP A 223 11.36 2.72 0.40
N VAL A 224 12.22 3.57 -0.14
CA VAL A 224 12.32 3.72 -1.58
C VAL A 224 12.82 2.41 -2.17
N TRP A 225 13.70 1.73 -1.44
CA TRP A 225 14.21 0.45 -1.91
C TRP A 225 13.01 -0.50 -2.01
N SER A 226 12.18 -0.52 -0.96
CA SER A 226 11.01 -1.38 -0.93
C SER A 226 10.06 -1.03 -2.08
N PHE A 227 9.98 0.27 -2.39
CA PHE A 227 9.14 0.73 -3.49
C PHE A 227 9.60 0.07 -4.79
N GLY A 228 10.90 -0.18 -4.90
CA GLY A 228 11.44 -0.80 -6.09
C GLY A 228 10.94 -2.22 -6.23
N VAL A 229 10.89 -2.95 -5.11
CA VAL A 229 10.40 -4.31 -5.15
C VAL A 229 8.91 -4.27 -5.49
N LEU A 230 8.21 -3.26 -4.99
CA LEU A 230 6.77 -3.09 -5.26
C LEU A 230 6.56 -2.91 -6.76
N LEU A 231 7.42 -2.13 -7.42
CA LEU A 231 7.28 -1.93 -8.85
C LEU A 231 7.47 -3.26 -9.56
N TRP A 232 8.44 -4.04 -9.10
CA TRP A 232 8.70 -5.34 -9.70
C TRP A 232 7.45 -6.21 -9.55
N GLU A 233 6.83 -6.18 -8.38
CA GLU A 233 5.62 -6.94 -8.13
C GLU A 233 4.52 -6.46 -9.07
N ILE A 234 4.36 -5.16 -9.17
CA ILE A 234 3.32 -4.61 -10.02
C ILE A 234 3.50 -5.02 -11.48
N PHE A 235 4.72 -4.88 -11.98
CA PHE A 235 5.01 -5.21 -13.37
C PHE A 235 5.32 -6.67 -13.68
N SER A 236 5.00 -7.53 -12.73
CA SER A 236 5.18 -8.97 -12.90
C SER A 236 3.78 -9.51 -12.64
N LEU A 237 2.87 -8.59 -12.38
CA LEU A 237 1.48 -8.89 -12.06
C LEU A 237 1.37 -9.83 -10.86
N GLY A 238 1.85 -9.35 -9.71
CA GLY A 238 1.78 -10.11 -8.48
C GLY A 238 2.69 -11.30 -8.28
N ALA A 239 3.79 -11.36 -9.02
CA ALA A 239 4.70 -12.50 -8.86
C ALA A 239 5.40 -12.34 -7.52
N SER A 240 6.07 -13.40 -7.10
CA SER A 240 6.79 -13.40 -5.83
C SER A 240 8.24 -12.97 -6.07
N PRO A 241 8.69 -11.91 -5.37
CA PRO A 241 10.05 -11.37 -5.48
C PRO A 241 11.15 -12.42 -5.35
N TYR A 242 12.18 -12.30 -6.19
CA TYR A 242 13.31 -13.24 -6.19
C TYR A 242 12.77 -14.65 -6.40
N PRO A 243 12.13 -14.90 -7.55
CA PRO A 243 11.54 -16.19 -7.91
C PRO A 243 12.47 -17.36 -7.63
N GLY A 244 12.00 -18.31 -6.82
CA GLY A 244 12.76 -19.51 -6.50
C GLY A 244 14.10 -19.40 -5.80
N VAL A 245 14.54 -18.17 -5.51
CA VAL A 245 15.82 -17.97 -4.84
C VAL A 245 15.69 -18.19 -3.34
N LYS A 246 16.64 -18.92 -2.77
CA LYS A 246 16.62 -19.17 -1.33
C LYS A 246 17.04 -17.89 -0.62
N ILE A 247 16.25 -17.48 0.36
CA ILE A 247 16.58 -16.26 1.09
C ILE A 247 17.40 -16.64 2.33
N ASP A 248 18.65 -17.00 2.07
CA ASP A 248 19.60 -17.40 3.10
C ASP A 248 20.71 -16.36 3.18
N GLU A 249 21.83 -16.70 3.82
CA GLU A 249 22.92 -15.76 3.94
C GLU A 249 23.59 -15.37 2.64
N GLU A 250 23.73 -16.34 1.72
CA GLU A 250 24.36 -16.01 0.45
C GLU A 250 23.54 -14.94 -0.28
N PHE A 251 22.23 -14.98 -0.11
CA PHE A 251 21.34 -14.00 -0.74
C PHE A 251 21.68 -12.59 -0.28
N CYS A 252 21.77 -12.42 1.04
CA CYS A 252 22.10 -11.12 1.63
C CYS A 252 23.49 -10.70 1.18
N ARG A 253 24.39 -11.67 1.05
CA ARG A 253 25.76 -11.38 0.65
C ARG A 253 25.81 -10.85 -0.77
N ARG A 254 25.17 -11.56 -1.70
CA ARG A 254 25.16 -11.15 -3.09
C ARG A 254 24.34 -9.90 -3.30
N LEU A 255 23.38 -9.65 -2.41
CA LEU A 255 22.54 -8.46 -2.51
C LEU A 255 23.35 -7.21 -2.21
N LYS A 256 24.22 -7.30 -1.22
CA LYS A 256 25.09 -6.20 -0.82
C LYS A 256 26.20 -6.02 -1.85
N GLU A 257 26.50 -7.09 -2.58
CA GLU A 257 27.51 -7.06 -3.63
C GLU A 257 26.99 -6.51 -4.94
N GLY A 258 25.67 -6.32 -5.06
CA GLY A 258 25.11 -5.78 -6.28
C GLY A 258 24.14 -6.63 -7.09
N THR A 259 23.86 -7.84 -6.63
CA THR A 259 22.93 -8.71 -7.36
C THR A 259 21.50 -8.15 -7.29
N ARG A 260 20.86 -8.05 -8.46
CA ARG A 260 19.50 -7.50 -8.56
C ARG A 260 18.59 -8.40 -9.39
N MET A 261 17.28 -8.28 -9.19
CA MET A 261 16.32 -9.06 -9.95
C MET A 261 16.34 -8.68 -11.42
N ARG A 262 15.96 -9.62 -12.27
CA ARG A 262 15.92 -9.34 -13.70
C ARG A 262 14.61 -8.61 -13.97
N ALA A 263 14.49 -8.02 -15.14
CA ALA A 263 13.27 -7.31 -15.49
C ALA A 263 12.12 -8.30 -15.56
N PRO A 264 11.00 -7.97 -14.89
CA PRO A 264 9.79 -8.81 -14.87
C PRO A 264 9.14 -8.78 -16.25
N ASP A 265 8.21 -9.70 -16.50
CA ASP A 265 7.56 -9.82 -17.80
C ASP A 265 6.83 -8.64 -18.43
N TYR A 266 6.09 -7.87 -17.64
CA TYR A 266 5.31 -6.78 -18.20
C TYR A 266 5.88 -5.38 -18.06
N THR A 267 7.14 -5.29 -17.67
CA THR A 267 7.78 -4.01 -17.48
C THR A 267 8.07 -3.29 -18.80
N THR A 268 8.43 -2.02 -18.67
CA THR A 268 8.81 -1.21 -19.82
C THR A 268 10.28 -0.93 -19.52
N PRO A 269 11.05 -0.52 -20.53
CA PRO A 269 12.46 -0.25 -20.27
C PRO A 269 12.69 0.77 -19.15
N GLU A 270 11.89 1.84 -19.14
CA GLU A 270 12.05 2.88 -18.14
C GLU A 270 11.68 2.42 -16.74
N MET A 271 10.61 1.65 -16.61
CA MET A 271 10.21 1.17 -15.30
C MET A 271 11.25 0.25 -14.68
N TYR A 272 11.93 -0.53 -15.52
CA TYR A 272 12.93 -1.43 -15.00
C TYR A 272 14.16 -0.65 -14.54
N GLN A 273 14.48 0.42 -15.26
CA GLN A 273 15.62 1.24 -14.90
C GLN A 273 15.32 1.97 -13.59
N THR A 274 14.05 2.35 -13.40
CA THR A 274 13.65 3.03 -12.17
C THR A 274 13.78 2.07 -11.01
N MET A 275 13.47 0.80 -11.25
CA MET A 275 13.58 -0.23 -10.22
C MET A 275 15.06 -0.30 -9.82
N LEU A 276 15.93 -0.32 -10.82
CA LEU A 276 17.36 -0.39 -10.57
C LEU A 276 17.82 0.84 -9.80
N ASP A 277 17.20 1.99 -10.09
CA ASP A 277 17.56 3.22 -9.38
C ASP A 277 17.16 3.13 -7.92
N CYS A 278 15.99 2.55 -7.67
CA CYS A 278 15.52 2.43 -6.29
C CYS A 278 16.38 1.43 -5.51
N TRP A 279 17.05 0.53 -6.22
CA TRP A 279 17.86 -0.48 -5.57
C TRP A 279 19.34 -0.11 -5.52
N HIS A 280 19.64 1.18 -5.55
CA HIS A 280 21.03 1.59 -5.51
C HIS A 280 21.65 1.20 -4.17
N GLY A 281 22.88 0.70 -4.21
CA GLY A 281 23.57 0.29 -3.00
C GLY A 281 23.65 1.41 -1.99
N GLU A 282 23.88 2.63 -2.48
CA GLU A 282 23.98 3.77 -1.58
C GLU A 282 22.62 4.43 -1.37
N PRO A 283 22.11 4.36 -0.13
CA PRO A 283 20.81 4.94 0.23
C PRO A 283 20.65 6.35 -0.33
N SER A 284 21.69 7.17 -0.15
CA SER A 284 21.68 8.55 -0.61
C SER A 284 21.65 8.72 -2.12
N GLN A 285 22.00 7.67 -2.86
CA GLN A 285 21.98 7.75 -4.32
C GLN A 285 20.65 7.29 -4.91
N ARG A 286 19.72 6.91 -4.03
CA ARG A 286 18.40 6.46 -4.48
C ARG A 286 17.53 7.69 -4.71
N PRO A 287 16.58 7.58 -5.64
CA PRO A 287 15.74 8.76 -5.86
C PRO A 287 14.83 8.96 -4.65
N THR A 288 14.28 10.16 -4.51
CA THR A 288 13.37 10.47 -3.42
C THR A 288 11.98 10.28 -3.99
N PHE A 289 11.00 10.04 -3.14
CA PHE A 289 9.64 9.85 -3.63
C PHE A 289 9.17 11.04 -4.45
N SER A 290 9.66 12.24 -4.13
CA SER A 290 9.27 13.42 -4.90
C SER A 290 9.75 13.25 -6.34
N GLU A 291 10.99 12.78 -6.48
CA GLU A 291 11.54 12.56 -7.82
C GLU A 291 10.79 11.44 -8.51
N LEU A 292 10.33 10.44 -7.74
CA LEU A 292 9.59 9.31 -8.29
C LEU A 292 8.20 9.75 -8.77
N VAL A 293 7.56 10.65 -8.03
CA VAL A 293 6.25 11.14 -8.42
C VAL A 293 6.36 11.86 -9.77
N GLU A 294 7.36 12.73 -9.87
CA GLU A 294 7.56 13.48 -11.10
C GLU A 294 7.90 12.52 -12.25
N HIS A 295 8.83 11.61 -12.03
CA HIS A 295 9.24 10.68 -13.06
C HIS A 295 8.13 9.74 -13.52
N LEU A 296 7.42 9.15 -12.56
CA LEU A 296 6.34 8.24 -12.91
C LEU A 296 5.22 9.01 -13.60
N GLY A 297 5.03 10.26 -13.21
CA GLY A 297 4.00 11.08 -13.84
C GLY A 297 4.32 11.30 -15.30
N ASN A 298 5.61 11.37 -15.62
CA ASN A 298 6.05 11.56 -16.98
C ASN A 298 5.86 10.29 -17.78
N LEU A 299 6.19 9.16 -17.18
CA LEU A 299 6.04 7.89 -17.88
C LEU A 299 4.57 7.62 -18.20
N LEU A 300 3.68 8.08 -17.32
CA LEU A 300 2.24 7.88 -17.51
C LEU A 300 1.77 8.72 -18.68
N GLN A 301 2.20 9.98 -18.70
CA GLN A 301 1.84 10.91 -19.76
C GLN A 301 2.38 10.41 -21.09
N ALA A 302 3.61 9.88 -21.06
CA ALA A 302 4.26 9.37 -22.25
C ALA A 302 3.61 8.09 -22.75
N ASN A 303 3.14 7.25 -21.84
CA ASN A 303 2.50 6.00 -22.25
C ASN A 303 1.24 6.32 -23.05
N ALA A 304 0.49 7.32 -22.58
CA ALA A 304 -0.75 7.74 -23.23
C ALA A 304 -0.47 8.20 -24.65
N GLN A 305 0.72 8.75 -24.86
CA GLN A 305 1.13 9.24 -26.17
C GLN A 305 1.24 8.12 -27.20
N GLN A 306 1.35 6.88 -26.71
CA GLN A 306 1.46 5.71 -27.56
C GLN A 306 0.08 5.20 -27.97
N ASP A 307 -0.93 5.49 -27.16
CA ASP A 307 -2.29 5.05 -27.38
C ASP A 307 -3.10 6.18 -28.03
N ARG A 308 -2.82 6.49 -29.28
CA ARG A 308 -3.51 7.59 -29.96
C ARG A 308 -4.71 7.26 -30.84
N HIS A 309 -5.27 6.06 -30.72
CA HIS A 309 -6.40 5.71 -31.56
C HIS A 309 -7.55 6.72 -31.51
N HIS A 310 -7.87 7.18 -30.32
CA HIS A 310 -8.97 8.11 -30.14
C HIS A 310 -8.64 9.61 -30.08
N HIS A 311 -7.54 10.02 -30.71
CA HIS A 311 -7.18 11.44 -30.72
C HIS A 311 -7.72 12.11 -31.98
C1 2RL B . -10.36 -5.87 2.27
C2 2RL B . -10.59 -4.46 2.06
C3 2RL B . -10.16 -3.50 3.01
C4 2RL B . -9.47 -3.94 4.20
C5 2RL B . -9.24 -5.33 4.43
C6 2RL B . -9.68 -6.31 3.47
N7 2RL B . -10.37 -2.14 2.82
C8 2RL B . -9.96 -1.21 3.73
C9 2RL B . -9.28 -1.58 4.92
C10 2RL B . -9.04 -2.97 5.17
O11 2RL B . -8.37 -3.46 6.34
C12 2RL B . -7.44 -2.63 6.97
C13 2RL B . -7.82 -1.87 8.12
C14 2RL B . -6.88 -1.05 8.77
C15 2RL B . -5.52 -0.96 8.28
C16 2RL B . -5.18 -1.74 7.12
C17 2RL B . -6.12 -2.56 6.49
O25 2RL B . -7.35 -0.34 9.91
C26 2RL B . -6.52 0.77 10.31
C27 2RL B . -5.04 0.35 10.33
N28 2RL B . -4.62 -0.11 8.98
O33 2RL B . -9.38 -7.65 3.81
O34 2RL B . -10.79 -6.83 1.33
C35 2RL B . -3.58 0.59 8.34
O36 2RL B . -3.37 0.50 7.13
N37 2RL B . -2.81 1.42 9.12
C38 2RL B . -1.70 2.17 8.72
C39 2RL B . -1.74 2.90 7.49
C40 2RL B . -0.61 3.66 7.08
C41 2RL B . 0.54 3.69 7.90
C42 2RL B . 0.60 2.99 9.12
C43 2RL B . -0.53 2.22 9.52
CL48 2RL B . 1.92 4.61 7.40
C49 2RL B . -8.05 -8.06 4.10
C53 2RL B . -12.07 -6.61 0.73
#